data_5A2R
#
_entry.id   5A2R
#
_cell.length_a   86.120
_cell.length_b   94.900
_cell.length_c   99.030
_cell.angle_alpha   90.00
_cell.angle_beta   90.00
_cell.angle_gamma   90.00
#
_symmetry.space_group_name_H-M   'P 21 21 21'
#
loop_
_entity.id
_entity.type
_entity.pdbx_description
1 polymer 'ANGIOTENSIN-CONVERTING ENZYME'
2 non-polymer D-MALATE
3 non-polymer 'ZINC ION'
4 non-polymer 2-acetamido-2-deoxy-beta-D-glucopyranose
5 non-polymer 2-AMINO-2-HYDROXYMETHYL-PROPANE-1,3-DIOL
6 water water
#
_entity_poly.entity_id   1
_entity_poly.type   'polypeptide(L)'
_entity_poly.pdbx_seq_one_letter_code
;LVKEEIQAKEYLENLNKELAKRTNVETEAAWAYGSNITDENEKKKNEISAELAKFMKEVASDTTKFQWRSYQSEDLKRQF
KALTKLGYAALPEDDYAELLDTLSAMESNFAKVKVCDYKDSTKCDLALDPEIEEVISKSRDHEELAYYWREFYDKAGTAV
RSQFERYVELNTKAAKLNNFTSGAEAWLDEYEDDTFEQQLEDIFADIRPLYQQIHGYVRFRLRKHYGDAVVSETGPIPMH
LLGNMWAQQWSEIADIVSPFPEKPLVDVSAEMEKQGYTPLKMFQMGDDFFTSMNLTKLPQDFWDKSIIEKPTDGRDLVCH
ASAWDFYLTDDVRIKQCTRVTQDQLFTVHHELGHIQYFLQYQHQPFVYRTGANPGFHEAVGDVLSLSVSTPKHLEKIGLL
KDYVRDDEARINQLFLTALDKIVFLPFAFTMDKYRWSLFRGEVDKANWNCAFWKLRDEYSGIEPPVVRSEKDFDAPAKYH
ISADVEYLRYLVSFIIQFQFYKSACIKAGQYDPDNVELPLDNCDIYGSAAAGAAFHNMLSMGASKPWPDALEAFNGERIM
SGKAIAEYFEPLRVWLEAENIKNNVHIGWTTSNKCVSS
;
_entity_poly.pdbx_strand_id   A
#
# COMPACT_ATOMS: atom_id res chain seq x y z
N LEU A 1 38.43 -19.50 -16.50
CA LEU A 1 36.97 -19.52 -16.15
C LEU A 1 36.74 -19.48 -14.64
N VAL A 2 37.57 -20.21 -13.88
CA VAL A 2 37.71 -19.98 -12.43
C VAL A 2 38.26 -18.55 -12.23
N LYS A 3 39.27 -18.20 -13.02
CA LYS A 3 39.85 -16.85 -13.06
C LYS A 3 38.80 -15.80 -13.42
N GLU A 4 38.05 -16.06 -14.50
CA GLU A 4 37.01 -15.14 -14.94
C GLU A 4 35.96 -14.88 -13.85
N GLU A 5 35.64 -15.92 -13.07
CA GLU A 5 34.63 -15.80 -12.02
C GLU A 5 35.14 -14.92 -10.87
N ILE A 6 36.41 -15.04 -10.54
CA ILE A 6 37.03 -14.18 -9.54
C ILE A 6 36.98 -12.72 -10.02
N GLN A 7 37.32 -12.49 -11.29
CA GLN A 7 37.24 -11.14 -11.87
C GLN A 7 35.79 -10.60 -11.86
N ALA A 8 34.83 -11.45 -12.21
CA ALA A 8 33.41 -11.08 -12.22
C ALA A 8 32.90 -10.66 -10.84
N LYS A 9 33.37 -11.34 -9.79
CA LYS A 9 33.02 -11.00 -8.42
C LYS A 9 33.50 -9.59 -8.02
N GLU A 10 34.72 -9.23 -8.42
CA GLU A 10 35.24 -7.87 -8.19
C GLU A 10 34.47 -6.87 -9.05
N TYR A 11 34.20 -7.22 -10.30
CA TYR A 11 33.43 -6.38 -11.20
C TYR A 11 32.04 -6.03 -10.62
N LEU A 12 31.34 -7.04 -10.10
CA LEU A 12 30.03 -6.81 -9.47
C LEU A 12 30.11 -5.97 -8.20
N GLU A 13 31.12 -6.20 -7.37
CA GLU A 13 31.28 -5.39 -6.16
C GLU A 13 31.44 -3.92 -6.51
N ASN A 14 32.27 -3.62 -7.50
CA ASN A 14 32.47 -2.23 -7.94
C ASN A 14 31.24 -1.65 -8.64
N LEU A 15 30.59 -2.45 -9.48
CA LEU A 15 29.38 -2.01 -10.15
C LEU A 15 28.26 -1.68 -9.16
N ASN A 16 28.03 -2.57 -8.19
CA ASN A 16 27.03 -2.33 -7.15
C ASN A 16 27.30 -1.05 -6.38
N LYS A 17 28.56 -0.81 -6.03
CA LYS A 17 28.95 0.44 -5.36
C LYS A 17 28.60 1.66 -6.23
N GLU A 18 28.92 1.59 -7.51
CA GLU A 18 28.66 2.70 -8.41
C GLU A 18 27.16 2.92 -8.63
N LEU A 19 26.40 1.83 -8.74
CA LEU A 19 24.95 1.95 -8.86
C LEU A 19 24.32 2.60 -7.63
N ALA A 20 24.79 2.23 -6.44
CA ALA A 20 24.32 2.83 -5.20
C ALA A 20 24.63 4.34 -5.17
N LYS A 21 25.84 4.69 -5.58
CA LYS A 21 26.27 6.09 -5.65
C LYS A 21 25.40 6.93 -6.58
N ARG A 22 25.17 6.44 -7.78
CA ARG A 22 24.34 7.14 -8.76
C ARG A 22 22.85 7.15 -8.38
N THR A 23 22.36 6.04 -7.85
CA THR A 23 20.97 5.96 -7.39
C THR A 23 20.72 6.89 -6.20
N ASN A 24 21.72 7.07 -5.33
CA ASN A 24 21.64 8.05 -4.25
C ASN A 24 21.26 9.45 -4.77
N VAL A 25 21.90 9.88 -5.85
CA VAL A 25 21.66 11.22 -6.38
C VAL A 25 20.30 11.28 -7.09
N GLU A 26 19.96 10.24 -7.86
CA GLU A 26 18.61 10.11 -8.44
C GLU A 26 17.55 10.26 -7.35
N THR A 27 17.77 9.58 -6.23
CA THR A 27 16.87 9.63 -5.09
C THR A 27 16.79 11.01 -4.44
N GLU A 28 17.92 11.72 -4.32
CA GLU A 28 17.90 13.12 -3.87
C GLU A 28 17.03 14.00 -4.76
N ALA A 29 17.20 13.86 -6.08
CA ALA A 29 16.41 14.63 -7.04
C ALA A 29 14.92 14.29 -6.97
N ALA A 30 14.61 13.01 -6.86
CA ALA A 30 13.20 12.59 -6.70
C ALA A 30 12.59 13.12 -5.39
N TRP A 31 13.37 13.08 -4.30
CA TRP A 31 12.96 13.64 -3.01
C TRP A 31 12.69 15.14 -3.09
N ALA A 32 13.60 15.90 -3.71
CA ALA A 32 13.40 17.33 -3.90
C ALA A 32 12.09 17.65 -4.63
N TYR A 33 11.83 16.93 -5.71
CA TYR A 33 10.64 17.14 -6.52
C TYR A 33 9.37 16.79 -5.77
N GLY A 34 9.40 15.65 -5.07
CA GLY A 34 8.28 15.16 -4.29
C GLY A 34 7.96 16.01 -3.08
N SER A 35 8.97 16.68 -2.51
CA SER A 35 8.76 17.56 -1.37
C SER A 35 8.56 19.03 -1.78
N ASN A 36 8.70 19.32 -3.07
CA ASN A 36 8.58 20.68 -3.59
C ASN A 36 8.48 20.62 -5.13
N ILE A 37 7.25 20.55 -5.61
CA ILE A 37 6.96 20.37 -7.02
C ILE A 37 7.21 21.68 -7.77
N THR A 38 8.26 21.69 -8.60
CA THR A 38 8.59 22.83 -9.45
C THR A 38 9.08 22.30 -10.77
N ASP A 39 8.98 23.11 -11.82
CA ASP A 39 9.45 22.72 -13.14
C ASP A 39 10.95 22.42 -13.10
N GLU A 40 11.68 23.22 -12.33
CA GLU A 40 13.13 23.06 -12.12
C GLU A 40 13.47 21.74 -11.45
N ASN A 41 12.75 21.41 -10.38
CA ASN A 41 12.96 20.12 -9.71
C ASN A 41 12.55 18.94 -10.58
N GLU A 42 11.46 19.08 -11.34
CA GLU A 42 11.07 18.05 -12.30
C GLU A 42 12.17 17.76 -13.32
N LYS A 43 12.72 18.82 -13.92
CA LYS A 43 13.75 18.68 -14.96
C LYS A 43 15.01 18.00 -14.45
N LYS A 44 15.45 18.34 -13.23
CA LYS A 44 16.62 17.67 -12.62
C LYS A 44 16.36 16.19 -12.34
N LYS A 45 15.21 15.88 -11.76
CA LYS A 45 14.81 14.49 -11.53
C LYS A 45 14.81 13.67 -12.81
N ASN A 46 14.21 14.22 -13.86
CA ASN A 46 14.11 13.50 -15.11
C ASN A 46 15.44 13.40 -15.88
N GLU A 47 16.30 14.42 -15.79
CA GLU A 47 17.63 14.34 -16.40
C GLU A 47 18.48 13.26 -15.73
N ILE A 48 18.50 13.23 -14.41
CA ILE A 48 19.31 12.24 -13.71
C ILE A 48 18.81 10.81 -13.94
N SER A 49 17.49 10.63 -13.99
CA SER A 49 16.91 9.35 -14.35
C SER A 49 17.30 8.91 -15.75
N ALA A 50 17.26 9.84 -16.71
CA ALA A 50 17.68 9.55 -18.07
C ALA A 50 19.14 9.12 -18.14
N GLU A 51 20.00 9.79 -17.36
CA GLU A 51 21.43 9.47 -17.36
C GLU A 51 21.67 8.10 -16.76
N LEU A 52 20.93 7.78 -15.69
CA LEU A 52 21.02 6.47 -15.09
C LEU A 52 20.51 5.36 -16.02
N ALA A 53 19.46 5.62 -16.78
CA ALA A 53 18.92 4.62 -17.72
C ALA A 53 19.96 4.31 -18.79
N LYS A 54 20.62 5.34 -19.31
CA LYS A 54 21.72 5.16 -20.26
C LYS A 54 22.85 4.31 -19.67
N PHE A 55 23.20 4.56 -18.40
CA PHE A 55 24.20 3.75 -17.69
C PHE A 55 23.76 2.29 -17.59
N MET A 56 22.49 2.06 -17.26
CA MET A 56 21.96 0.69 -17.13
C MET A 56 22.03 -0.06 -18.45
N LYS A 57 21.74 0.60 -19.56
CA LYS A 57 21.93 0.01 -20.89
C LYS A 57 23.37 -0.47 -21.08
N GLU A 58 24.34 0.36 -20.70
CA GLU A 58 25.75 0.01 -20.80
C GLU A 58 26.09 -1.19 -19.93
N VAL A 59 25.57 -1.20 -18.71
CA VAL A 59 25.75 -2.32 -17.77
C VAL A 59 25.25 -3.62 -18.37
N ALA A 60 24.03 -3.61 -18.90
CA ALA A 60 23.42 -4.80 -19.50
C ALA A 60 24.25 -5.34 -20.66
N SER A 61 24.78 -4.44 -21.48
CA SER A 61 25.73 -4.80 -22.54
C SER A 61 27.04 -5.36 -21.96
N ASP A 62 27.60 -4.71 -20.94
CA ASP A 62 28.86 -5.15 -20.33
C ASP A 62 28.80 -6.54 -19.71
N THR A 63 27.64 -6.94 -19.19
CA THR A 63 27.47 -8.28 -18.63
C THR A 63 27.73 -9.40 -19.65
N THR A 64 27.50 -9.12 -20.94
CA THR A 64 27.72 -10.13 -21.99
C THR A 64 29.21 -10.50 -22.16
N LYS A 65 30.13 -9.66 -21.68
CA LYS A 65 31.56 -9.99 -21.59
C LYS A 65 31.89 -11.16 -20.66
N PHE A 66 30.99 -11.46 -19.71
CA PHE A 66 31.20 -12.51 -18.74
C PHE A 66 30.35 -13.72 -19.08
N GLN A 67 30.96 -14.92 -19.09
CA GLN A 67 30.26 -16.19 -19.32
C GLN A 67 29.58 -16.62 -18.02
N TRP A 68 28.67 -15.79 -17.51
CA TRP A 68 28.21 -15.94 -16.12
C TRP A 68 27.27 -17.13 -15.91
N ARG A 69 26.60 -17.59 -16.95
CA ARG A 69 25.83 -18.83 -16.86
C ARG A 69 26.67 -20.08 -16.57
N SER A 70 27.98 -20.03 -16.82
CA SER A 70 28.89 -21.12 -16.50
C SER A 70 29.53 -21.02 -15.13
N TYR A 71 29.25 -19.94 -14.38
CA TYR A 71 29.86 -19.77 -13.06
C TYR A 71 29.29 -20.70 -12.01
N GLN A 72 30.10 -20.97 -11.00
CA GLN A 72 29.69 -21.80 -9.88
C GLN A 72 28.77 -21.10 -8.90
N SER A 73 29.02 -19.82 -8.64
CA SER A 73 28.27 -19.10 -7.59
C SER A 73 26.86 -18.74 -8.04
N GLU A 74 25.86 -19.34 -7.40
CA GLU A 74 24.47 -18.96 -7.65
C GLU A 74 24.22 -17.50 -7.29
N ASP A 75 24.90 -17.02 -6.24
CA ASP A 75 24.80 -15.63 -5.84
C ASP A 75 25.24 -14.69 -6.97
N LEU A 76 26.41 -14.94 -7.57
CA LEU A 76 26.89 -14.09 -8.67
C LEU A 76 25.95 -14.16 -9.86
N LYS A 77 25.46 -15.36 -10.16
CA LYS A 77 24.50 -15.55 -11.25
C LYS A 77 23.20 -14.80 -10.99
N ARG A 78 22.74 -14.79 -9.75
CA ARG A 78 21.55 -14.03 -9.39
C ARG A 78 21.76 -12.52 -9.60
N GLN A 79 22.93 -12.03 -9.21
CA GLN A 79 23.26 -10.62 -9.38
C GLN A 79 23.33 -10.23 -10.85
N PHE A 80 24.04 -11.03 -11.66
CA PHE A 80 24.12 -10.78 -13.09
C PHE A 80 22.74 -10.74 -13.74
N LYS A 81 21.92 -11.75 -13.45
CA LYS A 81 20.56 -11.80 -14.01
C LYS A 81 19.73 -10.57 -13.64
N ALA A 82 19.80 -10.15 -12.38
CA ALA A 82 19.05 -8.94 -11.94
C ALA A 82 19.53 -7.69 -12.68
N LEU A 83 20.84 -7.61 -12.93
CA LEU A 83 21.43 -6.51 -13.70
C LEU A 83 21.21 -6.57 -15.21
N THR A 84 20.76 -7.70 -15.74
CA THR A 84 20.35 -7.76 -17.15
C THR A 84 18.94 -7.19 -17.36
N LYS A 85 18.15 -7.07 -16.29
CA LYS A 85 16.74 -6.66 -16.39
C LYS A 85 16.62 -5.15 -16.40
N LEU A 86 16.39 -4.57 -17.57
CA LEU A 86 16.42 -3.12 -17.74
C LEU A 86 15.14 -2.40 -17.35
N GLY A 87 14.00 -3.07 -17.42
CA GLY A 87 12.73 -2.38 -17.24
C GLY A 87 12.59 -1.23 -18.22
N TYR A 88 12.13 -0.08 -17.72
CA TYR A 88 11.94 1.10 -18.57
C TYR A 88 13.22 1.59 -19.28
N ALA A 89 14.36 1.32 -18.67
CA ALA A 89 15.66 1.69 -19.25
C ALA A 89 15.96 1.00 -20.58
N ALA A 90 15.21 -0.05 -20.92
CA ALA A 90 15.28 -0.65 -22.25
C ALA A 90 14.78 0.23 -23.39
N LEU A 91 13.95 1.23 -23.07
CA LEU A 91 13.38 2.08 -24.09
C LEU A 91 14.47 2.93 -24.75
N PRO A 92 14.30 3.25 -26.05
CA PRO A 92 15.18 4.25 -26.64
C PRO A 92 15.12 5.57 -25.86
N GLU A 93 16.23 6.31 -25.85
CA GLU A 93 16.33 7.50 -25.01
C GLU A 93 15.18 8.50 -25.21
N ASP A 94 14.73 8.74 -26.44
CA ASP A 94 13.60 9.66 -26.66
C ASP A 94 12.30 9.14 -26.01
N ASP A 95 12.03 7.84 -26.17
CA ASP A 95 10.86 7.22 -25.53
C ASP A 95 10.96 7.24 -24.01
N TYR A 96 12.15 7.01 -23.47
CA TYR A 96 12.36 7.05 -22.03
C TYR A 96 12.07 8.45 -21.50
N ALA A 97 12.60 9.47 -22.17
CA ALA A 97 12.35 10.86 -21.77
C ALA A 97 10.84 11.19 -21.81
N GLU A 98 10.16 10.74 -22.85
CA GLU A 98 8.73 10.97 -22.97
C GLU A 98 7.95 10.27 -21.85
N LEU A 99 8.32 9.02 -21.52
CA LEU A 99 7.70 8.31 -20.40
C LEU A 99 7.91 9.09 -19.08
N LEU A 100 9.13 9.53 -18.81
CA LEU A 100 9.39 10.34 -17.61
C LEU A 100 8.53 11.60 -17.57
N ASP A 101 8.42 12.29 -18.70
CA ASP A 101 7.56 13.49 -18.80
C ASP A 101 6.10 13.15 -18.51
N THR A 102 5.65 12.02 -19.03
CA THR A 102 4.28 11.57 -18.85
C THR A 102 3.97 11.28 -17.36
N LEU A 103 4.88 10.55 -16.72
CA LEU A 103 4.76 10.22 -15.30
C LEU A 103 4.74 11.48 -14.42
N SER A 104 5.66 12.41 -14.71
CA SER A 104 5.71 13.69 -14.00
C SER A 104 4.42 14.50 -14.15
N ALA A 105 3.88 14.51 -15.36
CA ALA A 105 2.62 15.22 -15.62
C ALA A 105 1.49 14.66 -14.76
N MET A 106 1.40 13.33 -14.66
CA MET A 106 0.35 12.70 -13.85
C MET A 106 0.54 12.92 -12.36
N GLU A 107 1.78 12.81 -11.89
CA GLU A 107 2.11 13.00 -10.47
C GLU A 107 1.88 14.44 -10.04
N SER A 108 2.34 15.38 -10.87
CA SER A 108 2.11 16.80 -10.63
C SER A 108 0.62 17.12 -10.61
N ASN A 109 -0.12 16.58 -11.58
CA ASN A 109 -1.56 16.77 -11.63
C ASN A 109 -2.23 16.34 -10.33
N PHE A 110 -1.94 15.12 -9.92
CA PHE A 110 -2.51 14.59 -8.69
C PHE A 110 -2.18 15.49 -7.50
N ALA A 111 -0.91 15.88 -7.38
CA ALA A 111 -0.44 16.66 -6.23
C ALA A 111 -1.06 18.05 -6.15
N LYS A 112 -1.37 18.64 -7.31
CA LYS A 112 -1.90 20.00 -7.41
C LYS A 112 -3.44 20.11 -7.40
N VAL A 113 -4.17 18.99 -7.33
CA VAL A 113 -5.63 19.06 -7.31
C VAL A 113 -6.11 19.96 -6.17
N LYS A 114 -6.92 20.95 -6.50
CA LYS A 114 -7.61 21.80 -5.54
C LYS A 114 -9.08 21.84 -5.93
N VAL A 115 -9.98 21.81 -4.94
CA VAL A 115 -11.41 21.91 -5.20
C VAL A 115 -12.06 23.05 -4.42
N CYS A 116 -13.25 23.44 -4.87
CA CYS A 116 -14.03 24.49 -4.22
C CYS A 116 -14.88 23.92 -3.07
N ASP A 117 -14.98 24.69 -2.01
CA ASP A 117 -15.77 24.31 -0.85
C ASP A 117 -17.26 24.19 -1.23
N TYR A 118 -17.92 23.16 -0.71
CA TYR A 118 -19.34 22.90 -0.93
C TYR A 118 -20.26 24.00 -0.39
N LYS A 119 -19.92 24.51 0.79
CA LYS A 119 -20.74 25.51 1.47
C LYS A 119 -20.45 26.94 0.99
N ASP A 120 -19.21 27.22 0.60
CA ASP A 120 -18.86 28.50 -0.04
C ASP A 120 -17.96 28.26 -1.25
N SER A 121 -18.55 28.26 -2.44
CA SER A 121 -17.85 27.89 -3.65
C SER A 121 -16.80 28.89 -4.13
N THR A 122 -16.65 30.03 -3.43
CA THR A 122 -15.55 30.96 -3.73
C THR A 122 -14.22 30.54 -3.11
N LYS A 123 -14.26 29.64 -2.12
CA LYS A 123 -13.05 29.14 -1.50
C LYS A 123 -12.61 27.90 -2.25
N CYS A 124 -11.56 28.01 -3.05
CA CYS A 124 -11.20 26.95 -4.00
C CYS A 124 -9.79 26.42 -3.81
N ASP A 125 -9.36 26.34 -2.55
CA ASP A 125 -8.01 25.89 -2.22
C ASP A 125 -7.99 24.64 -1.34
N LEU A 126 -9.04 23.82 -1.44
CA LEU A 126 -9.11 22.60 -0.64
C LEU A 126 -8.33 21.51 -1.36
N ALA A 127 -7.36 20.92 -0.66
CA ALA A 127 -6.55 19.83 -1.22
C ALA A 127 -7.10 18.51 -0.73
N LEU A 128 -6.72 17.41 -1.39
CA LEU A 128 -7.08 16.09 -0.92
C LEU A 128 -6.62 15.90 0.53
N ASP A 129 -5.34 16.15 0.76
CA ASP A 129 -4.77 16.00 2.09
C ASP A 129 -4.49 17.42 2.62
N PRO A 130 -5.17 17.91 3.66
CA PRO A 130 -6.11 17.19 4.51
C PRO A 130 -7.60 17.46 4.25
N GLU A 131 -7.94 18.50 3.50
CA GLU A 131 -9.30 19.03 3.54
C GLU A 131 -10.36 18.09 2.97
N ILE A 132 -10.11 17.52 1.78
CA ILE A 132 -11.14 16.71 1.16
C ILE A 132 -11.26 15.38 1.90
N GLU A 133 -10.11 14.79 2.25
CA GLU A 133 -10.10 13.57 3.07
C GLU A 133 -10.85 13.74 4.40
N GLU A 134 -10.74 14.90 5.04
CA GLU A 134 -11.52 15.19 6.25
C GLU A 134 -13.02 15.10 5.99
N VAL A 135 -13.50 15.69 4.90
CA VAL A 135 -14.93 15.71 4.61
C VAL A 135 -15.43 14.30 4.33
N ILE A 136 -14.71 13.56 3.48
CA ILE A 136 -15.14 12.22 3.09
C ILE A 136 -15.12 11.30 4.32
N SER A 137 -14.16 11.49 5.22
CA SER A 137 -14.09 10.64 6.41
C SER A 137 -15.15 10.97 7.47
N LYS A 138 -15.55 12.24 7.60
CA LYS A 138 -16.40 12.69 8.72
C LYS A 138 -17.82 13.16 8.39
N SER A 139 -18.04 13.71 7.21
CA SER A 139 -19.37 14.21 6.86
C SER A 139 -20.35 13.06 6.65
N ARG A 140 -21.58 13.23 7.13
CA ARG A 140 -22.67 12.28 6.85
C ARG A 140 -23.77 12.94 6.04
N ASP A 141 -23.40 13.96 5.27
CA ASP A 141 -24.30 14.62 4.36
C ASP A 141 -24.06 13.99 2.99
N HIS A 142 -24.98 13.15 2.53
CA HIS A 142 -24.72 12.39 1.29
C HIS A 142 -24.54 13.28 0.05
N GLU A 143 -25.19 14.44 0.02
CA GLU A 143 -25.01 15.37 -1.11
C GLU A 143 -23.66 16.06 -1.08
N GLU A 144 -23.22 16.45 0.11
CA GLU A 144 -21.88 17.02 0.28
C GLU A 144 -20.82 16.01 -0.13
N LEU A 145 -20.98 14.77 0.32
CA LEU A 145 -20.05 13.69 -0.01
C LEU A 145 -19.98 13.49 -1.52
N ALA A 146 -21.13 13.51 -2.20
CA ALA A 146 -21.18 13.27 -3.65
C ALA A 146 -20.54 14.42 -4.43
N TYR A 147 -20.69 15.63 -3.93
CA TYR A 147 -20.08 16.81 -4.51
C TYR A 147 -18.55 16.68 -4.52
N TYR A 148 -17.96 16.41 -3.35
CA TYR A 148 -16.50 16.26 -3.25
C TYR A 148 -15.97 15.08 -4.06
N TRP A 149 -16.70 13.97 -4.04
CA TRP A 149 -16.36 12.80 -4.87
C TRP A 149 -16.21 13.23 -6.33
N ARG A 150 -17.26 13.87 -6.86
CA ARG A 150 -17.25 14.32 -8.26
C ARG A 150 -16.13 15.31 -8.57
N GLU A 151 -15.96 16.33 -7.74
CA GLU A 151 -14.94 17.34 -7.97
C GLU A 151 -13.55 16.74 -7.97
N PHE A 152 -13.30 15.85 -7.02
CA PHE A 152 -11.99 15.22 -6.93
C PHE A 152 -11.69 14.29 -8.10
N TYR A 153 -12.63 13.40 -8.42
CA TYR A 153 -12.41 12.44 -9.50
C TYR A 153 -12.28 13.13 -10.85
N ASP A 154 -13.07 14.17 -11.07
CA ASP A 154 -12.97 14.93 -12.32
C ASP A 154 -11.58 15.54 -12.49
N LYS A 155 -10.99 16.04 -11.40
CA LYS A 155 -9.68 16.70 -11.48
C LYS A 155 -8.50 15.75 -11.38
N ALA A 156 -8.58 14.75 -10.51
CA ALA A 156 -7.47 13.79 -10.33
C ALA A 156 -7.48 12.67 -11.37
N GLY A 157 -8.67 12.33 -11.88
CA GLY A 157 -8.82 11.27 -12.86
C GLY A 157 -8.87 11.75 -14.29
N THR A 158 -10.00 12.35 -14.65
CA THR A 158 -10.31 12.64 -16.04
C THR A 158 -9.28 13.54 -16.72
N ALA A 159 -8.75 14.50 -15.98
CA ALA A 159 -7.77 15.45 -16.50
C ALA A 159 -6.50 14.83 -17.08
N VAL A 160 -6.14 13.61 -16.67
CA VAL A 160 -4.92 12.97 -17.15
C VAL A 160 -5.12 11.77 -18.07
N ARG A 161 -6.32 11.63 -18.65
CA ARG A 161 -6.60 10.50 -19.58
C ARG A 161 -5.55 10.36 -20.69
N SER A 162 -5.20 11.46 -21.36
CA SER A 162 -4.29 11.36 -22.51
C SER A 162 -2.87 10.98 -22.07
N GLN A 163 -2.40 11.53 -20.96
CA GLN A 163 -1.09 11.15 -20.40
C GLN A 163 -1.10 9.68 -20.00
N PHE A 164 -2.19 9.26 -19.36
CA PHE A 164 -2.32 7.86 -18.96
C PHE A 164 -2.31 6.90 -20.16
N GLU A 165 -2.98 7.28 -21.24
CA GLU A 165 -2.96 6.47 -22.47
C GLU A 165 -1.56 6.31 -23.00
N ARG A 166 -0.82 7.41 -23.08
CA ARG A 166 0.55 7.36 -23.57
C ARG A 166 1.47 6.54 -22.65
N TYR A 167 1.27 6.67 -21.34
CA TYR A 167 1.98 5.84 -20.34
C TYR A 167 1.73 4.35 -20.60
N VAL A 168 0.48 3.98 -20.83
CA VAL A 168 0.17 2.56 -21.11
C VAL A 168 0.92 2.07 -22.34
N GLU A 169 0.93 2.88 -23.39
CA GLU A 169 1.68 2.54 -24.62
C GLU A 169 3.17 2.35 -24.37
N LEU A 170 3.80 3.28 -23.66
CA LEU A 170 5.25 3.21 -23.40
C LEU A 170 5.62 2.09 -22.43
N ASN A 171 4.79 1.89 -21.40
CA ASN A 171 4.92 0.75 -20.50
C ASN A 171 4.88 -0.57 -21.26
N THR A 172 3.94 -0.69 -22.19
CA THR A 172 3.83 -1.87 -23.04
C THR A 172 5.07 -2.05 -23.93
N LYS A 173 5.53 -0.97 -24.54
CA LYS A 173 6.73 -1.01 -25.40
C LYS A 173 7.95 -1.48 -24.60
N ALA A 174 8.11 -0.93 -23.40
CA ALA A 174 9.22 -1.30 -22.51
C ALA A 174 9.19 -2.77 -22.15
N ALA A 175 8.00 -3.27 -21.81
CA ALA A 175 7.81 -4.67 -21.42
C ALA A 175 8.26 -5.63 -22.53
N LYS A 176 7.79 -5.36 -23.74
CA LYS A 176 8.12 -6.18 -24.91
C LYS A 176 9.61 -6.12 -25.25
N LEU A 177 10.27 -4.98 -25.01
CA LEU A 177 11.73 -4.89 -25.17
C LEU A 177 12.49 -5.74 -24.15
N ASN A 178 11.86 -6.03 -23.01
CA ASN A 178 12.42 -6.93 -22.00
C ASN A 178 11.91 -8.38 -22.10
N ASN A 179 11.26 -8.72 -23.22
CA ASN A 179 10.70 -10.04 -23.48
C ASN A 179 9.57 -10.48 -22.56
N PHE A 180 8.82 -9.52 -22.03
CA PHE A 180 7.57 -9.77 -21.34
C PHE A 180 6.43 -9.49 -22.30
N THR A 181 5.33 -10.24 -22.18
CA THR A 181 4.16 -9.99 -23.01
C THR A 181 3.62 -8.56 -22.80
N SER A 182 3.62 -8.10 -21.57
CA SER A 182 3.10 -6.79 -21.21
C SER A 182 3.65 -6.35 -19.87
N GLY A 183 3.29 -5.14 -19.45
CA GLY A 183 3.68 -4.64 -18.15
C GLY A 183 3.14 -5.45 -16.99
N ALA A 184 2.06 -6.20 -17.22
CA ALA A 184 1.50 -7.09 -16.21
C ALA A 184 2.50 -8.17 -15.86
N GLU A 185 3.07 -8.78 -16.89
CA GLU A 185 4.08 -9.83 -16.70
C GLU A 185 5.37 -9.25 -16.14
N ALA A 186 5.71 -8.02 -16.53
CA ALA A 186 6.85 -7.31 -15.94
C ALA A 186 6.67 -7.15 -14.43
N TRP A 187 5.49 -6.69 -14.02
CA TRP A 187 5.22 -6.54 -12.59
C TRP A 187 5.24 -7.88 -11.87
N LEU A 188 4.58 -8.88 -12.46
CA LEU A 188 4.50 -10.20 -11.82
C LEU A 188 5.85 -10.88 -11.66
N ASP A 189 6.82 -10.52 -12.51
CA ASP A 189 8.20 -11.00 -12.41
C ASP A 189 8.83 -10.77 -11.04
N GLU A 190 8.41 -9.72 -10.35
CA GLU A 190 8.94 -9.39 -9.03
C GLU A 190 8.65 -10.44 -7.94
N TYR A 191 7.69 -11.32 -8.19
CA TYR A 191 7.33 -12.37 -7.22
C TYR A 191 7.99 -13.72 -7.49
N GLU A 192 8.77 -13.84 -8.57
CA GLU A 192 9.60 -15.03 -8.85
C GLU A 192 8.84 -16.34 -8.65
N ASP A 193 7.64 -16.40 -9.22
CA ASP A 193 6.73 -17.53 -9.00
C ASP A 193 5.69 -17.55 -10.11
N ASP A 194 5.81 -18.50 -11.03
CA ASP A 194 4.92 -18.57 -12.18
C ASP A 194 3.46 -18.94 -11.86
N THR A 195 3.15 -19.35 -10.63
CA THR A 195 1.75 -19.56 -10.24
C THR A 195 1.22 -18.48 -9.29
N PHE A 196 1.93 -17.36 -9.15
CA PHE A 196 1.65 -16.39 -8.08
C PHE A 196 0.24 -15.80 -8.19
N GLU A 197 -0.16 -15.42 -9.40
CA GLU A 197 -1.47 -14.83 -9.60
C GLU A 197 -2.59 -15.84 -9.25
N GLN A 198 -2.44 -17.08 -9.67
CA GLN A 198 -3.42 -18.11 -9.33
C GLN A 198 -3.48 -18.37 -7.82
N GLN A 199 -2.32 -18.33 -7.15
CA GLN A 199 -2.28 -18.47 -5.68
C GLN A 199 -3.12 -17.40 -5.01
N LEU A 200 -3.02 -16.18 -5.51
CA LEU A 200 -3.83 -15.07 -5.03
C LEU A 200 -5.32 -15.23 -5.35
N GLU A 201 -5.65 -15.71 -6.55
CA GLU A 201 -7.05 -16.02 -6.88
C GLU A 201 -7.64 -17.01 -5.86
N ASP A 202 -6.87 -18.03 -5.52
CA ASP A 202 -7.32 -19.09 -4.61
C ASP A 202 -7.54 -18.57 -3.19
N ILE A 203 -6.57 -17.81 -2.69
CA ILE A 203 -6.71 -17.20 -1.36
C ILE A 203 -7.88 -16.22 -1.33
N PHE A 204 -7.97 -15.37 -2.35
CA PHE A 204 -9.08 -14.43 -2.43
C PHE A 204 -10.43 -15.15 -2.45
N ALA A 205 -10.54 -16.21 -3.24
CA ALA A 205 -11.78 -16.99 -3.30
C ALA A 205 -12.17 -17.55 -1.93
N ASP A 206 -11.18 -17.93 -1.12
CA ASP A 206 -11.44 -18.42 0.24
C ASP A 206 -11.96 -17.35 1.18
N ILE A 207 -11.49 -16.10 1.03
CA ILE A 207 -11.87 -15.01 1.93
C ILE A 207 -13.11 -14.26 1.42
N ARG A 208 -13.43 -14.40 0.14
CA ARG A 208 -14.52 -13.67 -0.47
C ARG A 208 -15.89 -13.82 0.24
N PRO A 209 -16.26 -15.05 0.67
CA PRO A 209 -17.52 -15.17 1.43
C PRO A 209 -17.59 -14.30 2.69
N LEU A 210 -16.50 -14.19 3.45
CA LEU A 210 -16.44 -13.30 4.59
C LEU A 210 -16.63 -11.84 4.16
N TYR A 211 -15.96 -11.45 3.07
CA TYR A 211 -16.16 -10.10 2.53
C TYR A 211 -17.65 -9.84 2.20
N GLN A 212 -18.30 -10.81 1.55
CA GLN A 212 -19.72 -10.67 1.20
C GLN A 212 -20.59 -10.44 2.42
N GLN A 213 -20.27 -11.12 3.53
CA GLN A 213 -21.00 -10.96 4.79
C GLN A 213 -20.77 -9.56 5.37
N ILE A 214 -19.53 -9.08 5.32
CA ILE A 214 -19.19 -7.73 5.82
C ILE A 214 -19.87 -6.68 4.97
N HIS A 215 -19.75 -6.83 3.66
CA HIS A 215 -20.42 -5.95 2.71
C HIS A 215 -21.92 -5.85 2.98
N GLY A 216 -22.57 -6.99 3.12
CA GLY A 216 -24.03 -7.04 3.35
C GLY A 216 -24.42 -6.33 4.62
N TYR A 217 -23.70 -6.60 5.71
CA TYR A 217 -23.98 -5.95 6.99
C TYR A 217 -23.79 -4.43 6.92
N VAL A 218 -22.69 -3.99 6.32
CA VAL A 218 -22.46 -2.55 6.16
C VAL A 218 -23.55 -1.88 5.33
N ARG A 219 -23.93 -2.48 4.21
CA ARG A 219 -25.03 -1.94 3.39
C ARG A 219 -26.34 -1.86 4.18
N PHE A 220 -26.63 -2.91 4.93
CA PHE A 220 -27.83 -2.98 5.80
C PHE A 220 -27.83 -1.78 6.77
N ARG A 221 -26.69 -1.57 7.44
CA ARG A 221 -26.55 -0.47 8.40
C ARG A 221 -26.54 0.92 7.77
N LEU A 222 -25.91 1.06 6.61
CA LEU A 222 -25.96 2.31 5.84
C LEU A 222 -27.38 2.67 5.40
N ARG A 223 -28.12 1.66 4.96
CA ARG A 223 -29.51 1.85 4.55
C ARG A 223 -30.40 2.28 5.74
N LYS A 224 -30.15 1.70 6.91
CA LYS A 224 -30.86 2.10 8.13
C LYS A 224 -30.56 3.55 8.52
N HIS A 225 -29.35 4.01 8.23
CA HIS A 225 -28.98 5.40 8.48
C HIS A 225 -29.48 6.38 7.42
N TYR A 226 -29.29 6.03 6.14
CA TYR A 226 -29.50 6.97 5.03
C TYR A 226 -30.85 6.80 4.32
N GLY A 227 -31.50 5.64 4.49
CA GLY A 227 -32.76 5.34 3.82
C GLY A 227 -32.59 4.72 2.44
N ASP A 228 -33.68 4.15 1.94
CA ASP A 228 -33.70 3.41 0.67
C ASP A 228 -33.34 4.17 -0.60
N ALA A 229 -33.76 5.43 -0.67
CA ALA A 229 -33.49 6.27 -1.83
C ALA A 229 -32.00 6.54 -2.01
N VAL A 230 -31.26 6.56 -0.90
CA VAL A 230 -29.83 6.83 -0.89
C VAL A 230 -29.02 5.52 -1.00
N VAL A 231 -29.43 4.49 -0.26
CA VAL A 231 -28.77 3.16 -0.27
C VAL A 231 -29.78 2.05 -0.55
N SER A 232 -29.72 1.47 -1.76
CA SER A 232 -30.65 0.39 -2.12
C SER A 232 -30.28 -0.90 -1.38
N GLU A 233 -31.28 -1.76 -1.16
CA GLU A 233 -31.12 -3.02 -0.47
C GLU A 233 -30.27 -4.01 -1.24
N THR A 234 -30.41 -4.00 -2.56
CA THR A 234 -29.83 -5.03 -3.41
C THR A 234 -28.72 -4.56 -4.33
N GLY A 235 -28.50 -3.24 -4.43
CA GLY A 235 -27.53 -2.69 -5.37
C GLY A 235 -26.14 -2.57 -4.74
N PRO A 236 -25.11 -2.25 -5.56
CA PRO A 236 -23.79 -1.95 -5.01
C PRO A 236 -23.85 -0.74 -4.06
N ILE A 237 -22.96 -0.70 -3.07
CA ILE A 237 -22.98 0.40 -2.10
C ILE A 237 -22.45 1.67 -2.79
N PRO A 238 -23.19 2.79 -2.67
CA PRO A 238 -22.65 4.07 -3.10
C PRO A 238 -21.36 4.38 -2.32
N MET A 239 -20.25 4.48 -3.06
CA MET A 239 -18.92 4.42 -2.44
C MET A 239 -18.57 5.65 -1.60
N HIS A 240 -19.17 6.78 -1.94
CA HIS A 240 -19.01 8.03 -1.20
C HIS A 240 -19.49 8.02 0.25
N LEU A 241 -20.25 6.99 0.64
CA LEU A 241 -20.72 6.80 2.00
C LEU A 241 -19.83 5.91 2.85
N LEU A 242 -18.71 5.43 2.28
CA LEU A 242 -17.85 4.47 2.98
C LEU A 242 -16.64 5.10 3.66
N GLY A 243 -16.55 6.43 3.72
CA GLY A 243 -15.56 7.11 4.55
C GLY A 243 -14.17 7.27 3.98
N ASN A 244 -13.98 6.83 2.73
CA ASN A 244 -12.68 6.86 2.08
C ASN A 244 -12.93 7.15 0.60
N MET A 245 -12.11 8.03 0.01
CA MET A 245 -12.31 8.49 -1.37
C MET A 245 -12.37 7.35 -2.41
N TRP A 246 -11.68 6.24 -2.13
CA TRP A 246 -11.58 5.10 -3.05
C TRP A 246 -12.32 3.87 -2.51
N ALA A 247 -13.03 4.05 -1.39
CA ALA A 247 -13.66 2.97 -0.65
C ALA A 247 -12.74 1.79 -0.37
N GLN A 248 -11.46 2.05 -0.16
CA GLN A 248 -10.49 0.97 0.00
C GLN A 248 -10.46 0.41 1.43
N GLN A 249 -10.85 1.24 2.40
CA GLN A 249 -11.12 0.77 3.75
C GLN A 249 -12.23 1.63 4.32
N TRP A 250 -13.03 1.05 5.21
CA TRP A 250 -14.29 1.66 5.64
C TRP A 250 -14.33 2.01 7.13
N SER A 251 -13.17 2.04 7.79
CA SER A 251 -13.17 2.23 9.24
C SER A 251 -13.63 3.62 9.67
N GLU A 252 -13.56 4.61 8.78
CA GLU A 252 -14.01 5.97 9.13
C GLU A 252 -15.53 6.08 9.36
N ILE A 253 -16.32 5.09 8.89
CA ILE A 253 -17.76 5.05 9.18
C ILE A 253 -18.15 4.07 10.29
N ALA A 254 -17.16 3.64 11.08
CA ALA A 254 -17.39 2.66 12.14
C ALA A 254 -18.48 3.12 13.11
N ASP A 255 -18.58 4.44 13.35
CA ASP A 255 -19.64 4.97 14.22
C ASP A 255 -21.07 4.90 13.66
N ILE A 256 -21.25 4.58 12.39
CA ILE A 256 -22.60 4.31 11.88
C ILE A 256 -22.88 2.81 11.61
N VAL A 257 -21.84 1.99 11.56
CA VAL A 257 -22.00 0.55 11.28
C VAL A 257 -21.49 -0.39 12.36
N SER A 258 -21.11 0.11 13.54
CA SER A 258 -20.54 -0.78 14.56
C SER A 258 -21.61 -1.74 15.08
N PRO A 259 -21.28 -3.04 15.18
CA PRO A 259 -22.19 -4.07 15.71
C PRO A 259 -22.94 -3.68 16.98
N PHE A 260 -22.23 -3.10 17.95
CA PHE A 260 -22.81 -2.76 19.24
C PHE A 260 -22.56 -1.31 19.58
N PRO A 261 -23.44 -0.40 19.12
CA PRO A 261 -23.22 1.04 19.33
C PRO A 261 -23.27 1.53 20.79
N GLU A 262 -23.86 0.76 21.70
CA GLU A 262 -23.81 1.04 23.14
C GLU A 262 -22.47 0.68 23.78
N LYS A 263 -21.67 -0.15 23.11
CA LYS A 263 -20.41 -0.69 23.64
C LYS A 263 -19.22 0.01 23.00
N PRO A 264 -18.03 -0.07 23.64
CA PRO A 264 -16.93 0.76 23.18
C PRO A 264 -16.43 0.41 21.77
N LEU A 265 -16.08 1.48 21.04
CA LEU A 265 -15.44 1.42 19.73
C LEU A 265 -14.13 2.19 19.86
N VAL A 266 -13.00 1.50 19.68
CA VAL A 266 -11.69 2.11 19.91
C VAL A 266 -11.42 3.19 18.83
N ASP A 267 -11.30 4.43 19.29
CA ASP A 267 -10.77 5.53 18.48
C ASP A 267 -9.96 6.44 19.40
N VAL A 268 -8.65 6.27 19.35
CA VAL A 268 -7.74 6.94 20.29
C VAL A 268 -7.31 8.34 19.87
N SER A 269 -7.78 8.83 18.71
CA SER A 269 -7.41 10.17 18.20
C SER A 269 -7.61 11.28 19.27
N ALA A 270 -8.77 11.28 19.92
CA ALA A 270 -9.05 12.30 20.96
C ALA A 270 -8.07 12.25 22.12
N GLU A 271 -7.77 11.04 22.63
CA GLU A 271 -6.80 10.90 23.72
C GLU A 271 -5.39 11.32 23.30
N MET A 272 -4.99 10.99 22.07
CA MET A 272 -3.71 11.48 21.52
C MET A 272 -3.66 13.01 21.59
N GLU A 273 -4.72 13.68 21.14
CA GLU A 273 -4.78 15.15 21.18
C GLU A 273 -4.82 15.69 22.61
N LYS A 274 -5.63 15.07 23.47
CA LYS A 274 -5.70 15.45 24.89
C LYS A 274 -4.34 15.40 25.58
N GLN A 275 -3.53 14.41 25.20
CA GLN A 275 -2.19 14.24 25.78
C GLN A 275 -1.09 15.01 25.06
N GLY A 276 -1.45 15.88 24.11
CA GLY A 276 -0.49 16.72 23.44
C GLY A 276 0.44 15.99 22.49
N TYR A 277 -0.03 14.88 21.93
CA TYR A 277 0.73 14.18 20.88
C TYR A 277 1.01 15.12 19.71
N THR A 278 2.18 14.92 19.11
CA THR A 278 2.60 15.64 17.94
C THR A 278 3.08 14.59 16.95
N PRO A 279 3.28 14.98 15.68
CA PRO A 279 3.93 14.06 14.74
C PRO A 279 5.26 13.52 15.27
N LEU A 280 6.08 14.37 15.88
CA LEU A 280 7.37 13.94 16.40
C LEU A 280 7.22 12.81 17.39
N LYS A 281 6.33 13.01 18.37
CA LYS A 281 6.00 12.00 19.37
C LYS A 281 5.50 10.70 18.75
N MET A 282 4.68 10.79 17.71
CA MET A 282 4.17 9.61 17.02
C MET A 282 5.31 8.78 16.40
N PHE A 283 6.22 9.46 15.70
CA PHE A 283 7.43 8.81 15.16
C PHE A 283 8.37 8.27 16.25
N GLN A 284 8.52 9.01 17.35
CA GLN A 284 9.29 8.49 18.51
C GLN A 284 8.69 7.23 19.09
N MET A 285 7.35 7.17 19.15
CA MET A 285 6.69 5.96 19.63
C MET A 285 6.88 4.77 18.70
N GLY A 286 6.86 5.02 17.39
CA GLY A 286 7.13 3.97 16.42
C GLY A 286 8.55 3.43 16.55
N ASP A 287 9.51 4.34 16.65
CA ASP A 287 10.92 4.01 16.89
C ASP A 287 11.07 3.14 18.14
N ASP A 288 10.36 3.51 19.19
CA ASP A 288 10.38 2.78 20.46
C ASP A 288 9.83 1.36 20.32
N PHE A 289 8.80 1.18 19.48
CA PHE A 289 8.27 -0.17 19.24
C PHE A 289 9.35 -1.08 18.64
N PHE A 290 10.03 -0.59 17.60
CA PHE A 290 11.12 -1.35 16.96
C PHE A 290 12.28 -1.65 17.91
N THR A 291 12.77 -0.65 18.66
CA THR A 291 13.87 -0.89 19.61
C THR A 291 13.44 -1.82 20.76
N SER A 292 12.16 -1.79 21.15
CA SER A 292 11.63 -2.72 22.15
C SER A 292 11.73 -4.19 21.72
N MET A 293 11.70 -4.42 20.41
CA MET A 293 11.86 -5.76 19.84
C MET A 293 13.33 -6.08 19.54
N ASN A 294 14.25 -5.25 20.02
CA ASN A 294 15.67 -5.38 19.74
C ASN A 294 16.01 -5.22 18.23
N LEU A 295 15.21 -4.42 17.54
CA LEU A 295 15.49 -4.03 16.16
C LEU A 295 16.15 -2.67 16.16
N THR A 296 16.50 -2.18 14.98
CA THR A 296 17.41 -1.04 14.85
C THR A 296 16.72 0.29 15.10
N LYS A 297 17.35 1.11 15.94
CA LYS A 297 16.89 2.45 16.26
C LYS A 297 17.10 3.35 15.05
N LEU A 298 16.24 4.35 14.88
CA LEU A 298 16.36 5.28 13.77
C LEU A 298 17.65 6.09 13.89
N PRO A 299 18.40 6.24 12.78
CA PRO A 299 19.64 7.01 12.83
C PRO A 299 19.39 8.51 12.81
N GLN A 300 20.42 9.28 13.12
CA GLN A 300 20.32 10.74 13.23
C GLN A 300 19.83 11.40 11.94
N ASP A 301 20.34 10.95 10.80
CA ASP A 301 19.88 11.43 9.48
C ASP A 301 18.37 11.40 9.30
N PHE A 302 17.71 10.39 9.87
CA PHE A 302 16.25 10.28 9.78
C PHE A 302 15.57 11.49 10.41
N TRP A 303 15.97 11.80 11.63
CA TRP A 303 15.40 12.93 12.36
C TRP A 303 15.74 14.27 11.70
N ASP A 304 16.97 14.41 11.25
CA ASP A 304 17.43 15.68 10.65
C ASP A 304 16.78 15.99 9.30
N LYS A 305 16.47 14.97 8.50
CA LYS A 305 16.07 15.20 7.10
C LYS A 305 14.65 14.78 6.73
N SER A 306 13.96 14.05 7.59
CA SER A 306 12.57 13.66 7.32
C SER A 306 11.65 14.88 7.34
N ILE A 307 10.53 14.79 6.63
CA ILE A 307 9.49 15.79 6.64
C ILE A 307 8.27 15.07 7.20
N ILE A 308 7.88 15.44 8.42
CA ILE A 308 6.82 14.71 9.14
C ILE A 308 5.57 15.53 9.42
N GLU A 309 5.48 16.72 8.85
CA GLU A 309 4.23 17.47 8.81
C GLU A 309 4.16 18.25 7.51
N LYS A 310 2.93 18.56 7.09
CA LYS A 310 2.70 19.29 5.86
C LYS A 310 3.38 20.66 5.96
N PRO A 311 4.17 21.06 4.94
CA PRO A 311 4.69 22.44 4.92
C PRO A 311 3.55 23.48 4.98
N THR A 312 3.83 24.64 5.57
CA THR A 312 2.85 25.72 5.71
C THR A 312 3.15 26.92 4.80
N ASP A 313 4.13 26.79 3.91
CA ASP A 313 4.49 27.87 2.98
C ASP A 313 3.64 27.89 1.69
N GLY A 314 2.71 26.95 1.54
CA GLY A 314 1.82 26.92 0.39
C GLY A 314 2.43 26.43 -0.92
N ARG A 315 3.60 25.81 -0.86
CA ARG A 315 4.17 25.15 -2.05
C ARG A 315 3.33 23.93 -2.40
N ASP A 316 3.53 23.41 -3.59
CA ASP A 316 2.95 22.13 -3.96
C ASP A 316 3.92 21.01 -3.62
N LEU A 317 3.38 19.90 -3.15
CA LEU A 317 4.17 18.70 -2.87
C LEU A 317 3.29 17.47 -3.00
N VAL A 318 3.91 16.30 -2.97
CA VAL A 318 3.21 15.03 -2.86
C VAL A 318 3.07 14.76 -1.37
N CYS A 319 1.84 14.80 -0.85
CA CYS A 319 1.61 14.48 0.58
C CYS A 319 1.43 12.99 0.83
N HIS A 320 1.21 12.18 -0.21
CA HIS A 320 1.07 10.75 -0.01
C HIS A 320 2.28 10.21 0.75
N ALA A 321 2.03 9.58 1.90
CA ALA A 321 3.10 9.15 2.80
C ALA A 321 4.07 8.18 2.12
N SER A 322 5.35 8.33 2.41
CA SER A 322 6.37 7.51 1.76
C SER A 322 7.66 7.45 2.56
N ALA A 323 8.41 6.38 2.30
CA ALA A 323 9.67 6.09 2.97
C ALA A 323 10.75 5.94 1.90
N TRP A 324 11.93 6.49 2.18
CA TRP A 324 12.99 6.69 1.19
C TRP A 324 14.32 6.13 1.68
N ASP A 325 14.92 5.30 0.85
CA ASP A 325 16.26 4.77 1.09
C ASP A 325 17.20 5.54 0.18
N PHE A 326 18.21 6.17 0.76
CA PHE A 326 19.18 6.95 -0.03
C PHE A 326 20.46 6.19 -0.40
N TYR A 327 20.50 4.90 -0.04
CA TYR A 327 21.52 3.94 -0.55
C TYR A 327 22.96 4.26 -0.16
N LEU A 328 23.12 4.88 1.00
CA LEU A 328 24.42 5.08 1.63
C LEU A 328 24.40 4.21 2.89
N THR A 329 24.84 4.73 4.03
CA THR A 329 24.66 4.08 5.31
C THR A 329 23.88 5.06 6.17
N ASP A 330 22.73 4.62 6.67
CA ASP A 330 21.92 5.38 7.64
C ASP A 330 21.21 6.63 7.10
N ASP A 331 21.27 6.91 5.80
CA ASP A 331 20.48 8.01 5.24
C ASP A 331 19.16 7.42 4.75
N VAL A 332 18.17 7.50 5.64
CA VAL A 332 16.82 7.00 5.37
C VAL A 332 15.85 8.06 5.90
N ARG A 333 14.76 8.28 5.18
CA ARG A 333 13.83 9.38 5.50
C ARG A 333 12.38 9.01 5.23
N ILE A 334 11.48 9.63 5.97
CA ILE A 334 10.07 9.57 5.67
C ILE A 334 9.58 10.96 5.30
N LYS A 335 8.67 11.01 4.33
CA LYS A 335 7.87 12.20 4.07
C LYS A 335 6.42 11.85 4.35
N GLN A 336 5.84 12.48 5.38
CA GLN A 336 4.44 12.28 5.74
C GLN A 336 3.81 13.56 6.22
N CYS A 337 2.63 13.89 5.68
CA CYS A 337 1.87 15.05 6.12
C CYS A 337 1.02 14.63 7.33
N THR A 338 1.73 14.39 8.43
CA THR A 338 1.19 13.65 9.56
C THR A 338 0.13 14.46 10.31
N ARG A 339 -0.97 13.80 10.65
CA ARG A 339 -1.97 14.37 11.55
C ARG A 339 -2.07 13.45 12.77
N VAL A 340 -2.57 14.01 13.86
CA VAL A 340 -2.65 13.29 15.13
C VAL A 340 -3.97 12.51 15.20
N THR A 341 -3.97 11.34 14.58
CA THR A 341 -5.13 10.45 14.57
C THR A 341 -4.67 9.01 14.73
N GLN A 342 -5.61 8.15 15.11
CA GLN A 342 -5.38 6.71 15.21
C GLN A 342 -4.92 6.14 13.89
N ASP A 343 -5.59 6.53 12.81
CA ASP A 343 -5.26 6.05 11.47
C ASP A 343 -3.84 6.43 11.08
N GLN A 344 -3.49 7.68 11.38
CA GLN A 344 -2.16 8.20 11.07
C GLN A 344 -1.07 7.50 11.89
N LEU A 345 -1.38 7.14 13.14
CA LEU A 345 -0.45 6.36 13.95
C LEU A 345 -0.12 5.03 13.28
N PHE A 346 -1.13 4.37 12.69
CA PHE A 346 -0.87 3.13 11.93
C PHE A 346 0.02 3.41 10.71
N THR A 347 -0.27 4.49 9.98
CA THR A 347 0.53 4.88 8.81
C THR A 347 1.98 5.12 9.20
N VAL A 348 2.20 5.77 10.33
CA VAL A 348 3.56 6.01 10.86
C VAL A 348 4.32 4.69 10.97
N HIS A 349 3.69 3.70 11.58
CA HIS A 349 4.30 2.38 11.74
C HIS A 349 4.52 1.69 10.42
N HIS A 350 3.54 1.81 9.52
CA HIS A 350 3.70 1.31 8.16
C HIS A 350 4.97 1.85 7.50
N GLU A 351 5.14 3.16 7.51
CA GLU A 351 6.29 3.80 6.88
C GLU A 351 7.59 3.45 7.61
N LEU A 352 7.54 3.34 8.94
CA LEU A 352 8.74 2.94 9.71
C LEU A 352 9.16 1.49 9.45
N GLY A 353 8.22 0.63 9.06
CA GLY A 353 8.54 -0.72 8.62
C GLY A 353 9.42 -0.73 7.38
N HIS A 354 9.14 0.18 6.44
CA HIS A 354 9.99 0.35 5.25
C HIS A 354 11.39 0.76 5.69
N ILE A 355 11.45 1.73 6.60
CA ILE A 355 12.74 2.25 7.10
C ILE A 355 13.53 1.12 7.77
N GLN A 356 12.88 0.36 8.65
CA GLN A 356 13.54 -0.77 9.31
C GLN A 356 14.16 -1.71 8.28
N TYR A 357 13.40 -2.03 7.25
CA TYR A 357 13.85 -2.93 6.19
C TYR A 357 15.12 -2.35 5.52
N PHE A 358 15.09 -1.05 5.18
CA PHE A 358 16.27 -0.39 4.58
C PHE A 358 17.50 -0.58 5.44
N LEU A 359 17.34 -0.36 6.75
CA LEU A 359 18.46 -0.44 7.67
C LEU A 359 18.98 -1.87 7.80
N GLN A 360 18.05 -2.82 7.89
CA GLN A 360 18.39 -4.25 8.02
C GLN A 360 19.23 -4.81 6.85
N TYR A 361 18.97 -4.35 5.64
CA TYR A 361 19.68 -4.86 4.48
C TYR A 361 20.71 -3.91 3.90
N GLN A 362 21.06 -2.83 4.60
CA GLN A 362 21.94 -1.82 4.00
C GLN A 362 23.37 -2.28 3.68
N HIS A 363 23.84 -3.37 4.29
CA HIS A 363 25.14 -3.95 3.94
C HIS A 363 25.10 -5.01 2.83
N GLN A 364 23.92 -5.34 2.32
CA GLN A 364 23.81 -6.19 1.12
C GLN A 364 24.37 -5.42 -0.07
N PRO A 365 24.82 -6.13 -1.13
CA PRO A 365 25.13 -5.40 -2.37
C PRO A 365 23.90 -4.64 -2.86
N PHE A 366 24.14 -3.53 -3.54
CA PHE A 366 23.07 -2.68 -4.03
C PHE A 366 21.90 -3.43 -4.67
N VAL A 367 22.17 -4.36 -5.58
CA VAL A 367 21.06 -5.07 -6.24
C VAL A 367 20.14 -5.83 -5.27
N TYR A 368 20.64 -6.22 -4.11
CA TYR A 368 19.83 -6.89 -3.09
C TYR A 368 19.23 -5.97 -2.04
N ARG A 369 19.45 -4.66 -2.14
CA ARG A 369 18.87 -3.71 -1.18
C ARG A 369 17.46 -3.33 -1.59
N THR A 370 16.56 -4.29 -1.42
CA THR A 370 15.14 -4.16 -1.72
C THR A 370 14.44 -5.36 -1.07
N GLY A 371 13.12 -5.39 -1.13
CA GLY A 371 12.35 -6.39 -0.40
C GLY A 371 12.47 -7.75 -1.06
N ALA A 372 12.28 -8.79 -0.27
CA ALA A 372 12.29 -10.16 -0.79
C ALA A 372 11.27 -10.27 -1.94
N ASN A 373 10.09 -9.73 -1.72
CA ASN A 373 9.21 -9.30 -2.84
C ASN A 373 8.50 -8.00 -2.41
N PRO A 374 7.82 -7.32 -3.34
CA PRO A 374 7.22 -6.02 -3.00
C PRO A 374 6.24 -6.08 -1.83
N GLY A 375 5.52 -7.19 -1.69
CA GLY A 375 4.60 -7.36 -0.58
C GLY A 375 5.26 -7.43 0.80
N PHE A 376 6.48 -7.99 0.86
CA PHE A 376 7.21 -8.08 2.14
C PHE A 376 7.48 -6.69 2.67
N HIS A 377 7.90 -5.80 1.78
CA HIS A 377 8.20 -4.42 2.16
C HIS A 377 6.98 -3.73 2.76
N GLU A 378 5.82 -3.94 2.18
CA GLU A 378 4.59 -3.32 2.68
C GLU A 378 4.09 -3.92 4.00
N ALA A 379 4.44 -5.17 4.26
CA ALA A 379 3.89 -5.93 5.39
C ALA A 379 4.55 -5.60 6.72
N VAL A 380 5.83 -5.24 6.71
CA VAL A 380 6.63 -5.16 7.96
C VAL A 380 5.95 -4.25 9.00
N GLY A 381 5.66 -3.03 8.59
CA GLY A 381 5.11 -2.04 9.49
C GLY A 381 3.71 -2.36 9.94
N ASP A 382 2.94 -3.00 9.05
CA ASP A 382 1.57 -3.38 9.35
C ASP A 382 1.50 -4.46 10.45
N VAL A 383 2.53 -5.29 10.56
CA VAL A 383 2.58 -6.28 11.63
C VAL A 383 2.62 -5.55 12.98
N LEU A 384 3.45 -4.51 13.06
CA LEU A 384 3.53 -3.71 14.28
C LEU A 384 2.21 -2.98 14.54
N SER A 385 1.62 -2.43 13.49
CA SER A 385 0.33 -1.73 13.60
C SER A 385 -0.79 -2.63 14.12
N LEU A 386 -0.83 -3.88 13.69
CA LEU A 386 -1.77 -4.84 14.24
C LEU A 386 -1.62 -4.92 15.77
N SER A 387 -0.39 -4.99 16.27
CA SER A 387 -0.16 -4.94 17.73
C SER A 387 -0.54 -3.61 18.36
N VAL A 388 -0.12 -2.51 17.74
CA VAL A 388 -0.43 -1.17 18.23
C VAL A 388 -1.96 -0.98 18.40
N SER A 389 -2.74 -1.56 17.50
CA SER A 389 -4.19 -1.38 17.46
C SER A 389 -4.94 -2.17 18.53
N THR A 390 -4.28 -3.10 19.22
CA THR A 390 -4.96 -3.96 20.19
C THR A 390 -5.33 -3.13 21.42
N PRO A 391 -6.52 -3.41 22.01
CA PRO A 391 -6.83 -2.84 23.31
C PRO A 391 -5.70 -3.03 24.32
N LYS A 392 -5.07 -4.21 24.31
CA LYS A 392 -3.92 -4.50 25.18
C LYS A 392 -2.83 -3.46 25.04
N HIS A 393 -2.40 -3.17 23.82
CA HIS A 393 -1.33 -2.20 23.64
C HIS A 393 -1.76 -0.77 23.96
N LEU A 394 -2.96 -0.39 23.52
CA LEU A 394 -3.44 0.99 23.68
C LEU A 394 -3.69 1.33 25.15
N GLU A 395 -4.17 0.34 25.91
CA GLU A 395 -4.28 0.47 27.37
C GLU A 395 -2.91 0.64 28.03
N LYS A 396 -1.95 -0.19 27.63
CA LYS A 396 -0.59 -0.11 28.16
C LYS A 396 0.04 1.28 28.00
N ILE A 397 -0.09 1.88 26.81
CA ILE A 397 0.49 3.19 26.56
C ILE A 397 -0.37 4.38 27.01
N GLY A 398 -1.57 4.12 27.56
CA GLY A 398 -2.41 5.16 28.14
C GLY A 398 -3.32 5.88 27.17
N LEU A 399 -3.52 5.31 25.98
CA LEU A 399 -4.39 5.93 24.96
C LEU A 399 -5.83 5.42 25.01
N LEU A 400 -6.06 4.30 25.69
CA LEU A 400 -7.39 3.72 25.85
C LEU A 400 -7.67 3.52 27.33
N LYS A 401 -8.76 4.13 27.80
CA LYS A 401 -9.13 4.13 29.22
C LYS A 401 -10.51 3.53 29.41
N ASP A 402 -10.77 3.03 30.61
CA ASP A 402 -12.09 2.55 31.03
C ASP A 402 -12.66 1.53 30.04
N TYR A 403 -11.81 0.67 29.50
CA TYR A 403 -12.19 -0.25 28.44
C TYR A 403 -12.38 -1.64 29.01
N VAL A 404 -13.60 -2.16 28.90
CA VAL A 404 -13.93 -3.52 29.31
C VAL A 404 -13.99 -4.35 28.05
N ARG A 405 -13.17 -5.39 27.97
CA ARG A 405 -13.08 -6.22 26.78
C ARG A 405 -14.02 -7.42 26.91
N ASP A 406 -15.31 -7.14 26.87
CA ASP A 406 -16.35 -8.17 26.87
C ASP A 406 -16.57 -8.65 25.44
N ASP A 407 -17.48 -9.60 25.24
CA ASP A 407 -17.72 -10.20 23.92
C ASP A 407 -18.18 -9.18 22.86
N GLU A 408 -19.03 -8.25 23.26
CA GLU A 408 -19.53 -7.21 22.35
C GLU A 408 -18.44 -6.21 21.93
N ALA A 409 -17.62 -5.78 22.88
CA ALA A 409 -16.46 -4.95 22.58
C ALA A 409 -15.48 -5.66 21.64
N ARG A 410 -15.27 -6.95 21.86
CA ARG A 410 -14.41 -7.74 20.98
C ARG A 410 -14.94 -7.78 19.55
N ILE A 411 -16.25 -7.95 19.40
CA ILE A 411 -16.86 -7.99 18.07
C ILE A 411 -16.72 -6.63 17.39
N ASN A 412 -16.97 -5.54 18.13
CA ASN A 412 -16.73 -4.20 17.63
C ASN A 412 -15.31 -4.00 17.10
N GLN A 413 -14.33 -4.47 17.86
CA GLN A 413 -12.92 -4.34 17.52
C GLN A 413 -12.50 -5.23 16.33
N LEU A 414 -12.96 -6.47 16.30
CA LEU A 414 -12.71 -7.34 15.15
C LEU A 414 -13.37 -6.78 13.89
N PHE A 415 -14.58 -6.26 14.04
CA PHE A 415 -15.29 -5.67 12.92
C PHE A 415 -14.56 -4.44 12.39
N LEU A 416 -14.14 -3.56 13.29
CA LEU A 416 -13.33 -2.38 12.93
C LEU A 416 -12.07 -2.79 12.15
N THR A 417 -11.39 -3.80 12.65
CA THR A 417 -10.18 -4.28 11.99
C THR A 417 -10.48 -4.86 10.60
N ALA A 418 -11.61 -5.55 10.48
CA ALA A 418 -12.05 -6.09 9.20
C ALA A 418 -12.39 -5.01 8.19
N LEU A 419 -12.94 -3.89 8.66
CA LEU A 419 -13.19 -2.74 7.79
C LEU A 419 -11.91 -2.13 7.20
N ASP A 420 -10.78 -2.36 7.85
CA ASP A 420 -9.46 -2.04 7.27
C ASP A 420 -8.85 -3.19 6.45
N LYS A 421 -8.95 -4.43 6.94
CA LYS A 421 -8.13 -5.52 6.42
C LYS A 421 -8.84 -6.44 5.42
N ILE A 422 -10.09 -6.79 5.67
CA ILE A 422 -10.81 -7.66 4.73
C ILE A 422 -11.34 -6.87 3.54
N VAL A 423 -11.93 -5.71 3.83
CA VAL A 423 -12.52 -4.85 2.79
C VAL A 423 -11.51 -4.42 1.71
N PHE A 424 -10.26 -4.22 2.13
CA PHE A 424 -9.18 -3.83 1.25
C PHE A 424 -8.80 -4.88 0.18
N LEU A 425 -9.06 -6.16 0.47
CA LEU A 425 -8.55 -7.23 -0.39
C LEU A 425 -9.10 -7.16 -1.81
N PRO A 426 -10.45 -7.09 -1.98
CA PRO A 426 -10.92 -6.96 -3.37
C PRO A 426 -10.54 -5.63 -4.01
N PHE A 427 -10.47 -4.56 -3.21
CA PHE A 427 -10.02 -3.27 -3.72
C PHE A 427 -8.62 -3.40 -4.33
N ALA A 428 -7.69 -3.91 -3.54
CA ALA A 428 -6.30 -4.04 -3.97
C ALA A 428 -6.17 -4.91 -5.22
N PHE A 429 -6.90 -6.01 -5.25
CA PHE A 429 -6.88 -6.91 -6.41
C PHE A 429 -7.31 -6.18 -7.69
N THR A 430 -8.36 -5.36 -7.59
CA THR A 430 -8.89 -4.66 -8.76
C THR A 430 -7.96 -3.58 -9.31
N MET A 431 -7.15 -2.96 -8.45
CA MET A 431 -6.22 -1.92 -8.91
C MET A 431 -5.27 -2.48 -9.96
N ASP A 432 -4.77 -3.71 -9.77
CA ASP A 432 -3.89 -4.32 -10.75
C ASP A 432 -4.61 -5.14 -11.79
N LYS A 433 -5.72 -5.79 -11.44
CA LYS A 433 -6.53 -6.45 -12.44
C LYS A 433 -6.90 -5.47 -13.57
N TYR A 434 -7.30 -4.26 -13.18
CA TYR A 434 -7.62 -3.22 -14.16
C TYR A 434 -6.42 -2.86 -15.02
N ARG A 435 -5.30 -2.52 -14.39
CA ARG A 435 -4.11 -2.11 -15.14
C ARG A 435 -3.54 -3.23 -16.00
N TRP A 436 -3.52 -4.45 -15.47
CA TRP A 436 -3.09 -5.62 -16.25
C TRP A 436 -3.93 -5.75 -17.52
N SER A 437 -5.24 -5.58 -17.38
CA SER A 437 -6.14 -5.68 -18.54
C SER A 437 -5.81 -4.64 -19.61
N LEU A 438 -5.44 -3.41 -19.21
CA LEU A 438 -5.02 -2.39 -20.15
C LEU A 438 -3.66 -2.71 -20.74
N PHE A 439 -2.70 -3.07 -19.89
CA PHE A 439 -1.37 -3.48 -20.30
C PHE A 439 -1.39 -4.60 -21.34
N ARG A 440 -2.28 -5.56 -21.13
CA ARG A 440 -2.40 -6.72 -22.01
C ARG A 440 -3.18 -6.45 -23.30
N GLY A 441 -3.75 -5.26 -23.45
CA GLY A 441 -4.50 -4.89 -24.66
C GLY A 441 -5.86 -5.54 -24.72
N GLU A 442 -6.42 -5.90 -23.57
CA GLU A 442 -7.66 -6.65 -23.52
C GLU A 442 -8.89 -5.76 -23.54
N VAL A 443 -8.72 -4.45 -23.35
CA VAL A 443 -9.82 -3.51 -23.35
C VAL A 443 -9.54 -2.41 -24.36
N ASP A 444 -10.48 -2.20 -25.29
CA ASP A 444 -10.39 -1.12 -26.28
C ASP A 444 -10.48 0.21 -25.53
N LYS A 445 -9.68 1.20 -25.97
CA LYS A 445 -9.65 2.55 -25.36
C LYS A 445 -11.03 3.20 -25.17
N ALA A 446 -11.96 2.91 -26.09
CA ALA A 446 -13.35 3.34 -25.96
C ALA A 446 -14.08 2.83 -24.71
N ASN A 447 -13.61 1.74 -24.10
CA ASN A 447 -14.27 1.11 -22.95
C ASN A 447 -13.44 1.14 -21.64
N TRP A 448 -12.41 1.98 -21.59
CA TRP A 448 -11.50 1.99 -20.44
C TRP A 448 -12.15 2.41 -19.13
N ASN A 449 -13.04 3.41 -19.16
CA ASN A 449 -13.63 3.84 -17.89
C ASN A 449 -14.67 2.89 -17.31
N CYS A 450 -15.56 2.39 -18.14
CA CYS A 450 -16.55 1.45 -17.64
C CYS A 450 -15.91 0.09 -17.30
N ALA A 451 -14.80 -0.26 -17.95
CA ALA A 451 -14.01 -1.42 -17.52
C ALA A 451 -13.52 -1.30 -16.06
N PHE A 452 -13.13 -0.10 -15.66
CA PHE A 452 -12.69 0.16 -14.28
C PHE A 452 -13.86 -0.07 -13.32
N TRP A 453 -14.98 0.62 -13.55
CA TRP A 453 -16.11 0.50 -12.63
C TRP A 453 -16.75 -0.88 -12.64
N LYS A 454 -16.70 -1.57 -13.77
CA LYS A 454 -17.19 -2.95 -13.84
C LYS A 454 -16.40 -3.88 -12.89
N LEU A 455 -15.09 -3.75 -12.88
CA LEU A 455 -14.25 -4.49 -11.94
C LEU A 455 -14.52 -4.12 -10.47
N ARG A 456 -14.70 -2.83 -10.21
CA ARG A 456 -14.98 -2.36 -8.86
C ARG A 456 -16.33 -2.91 -8.35
N ASP A 457 -17.31 -2.98 -9.25
CA ASP A 457 -18.61 -3.60 -8.96
C ASP A 457 -18.45 -5.11 -8.70
N GLU A 458 -17.91 -5.81 -9.69
CA GLU A 458 -17.72 -7.27 -9.62
C GLU A 458 -17.05 -7.75 -8.33
N TYR A 459 -15.96 -7.11 -7.95
CA TYR A 459 -15.16 -7.57 -6.80
C TYR A 459 -15.56 -6.94 -5.47
N SER A 460 -15.80 -5.63 -5.45
CA SER A 460 -16.07 -4.93 -4.19
C SER A 460 -17.55 -4.64 -3.91
N GLY A 461 -18.39 -4.71 -4.93
CA GLY A 461 -19.82 -4.35 -4.78
C GLY A 461 -20.01 -2.92 -4.34
N ILE A 462 -19.21 -2.03 -4.91
CA ILE A 462 -19.35 -0.60 -4.71
C ILE A 462 -19.49 0.07 -6.07
N GLU A 463 -19.96 1.31 -6.05
CA GLU A 463 -20.15 2.09 -7.27
C GLU A 463 -20.04 3.57 -7.02
N PRO A 464 -19.82 4.35 -8.10
CA PRO A 464 -19.80 5.79 -7.96
C PRO A 464 -21.12 6.34 -7.42
N PRO A 465 -21.08 7.54 -6.81
CA PRO A 465 -22.30 8.16 -6.29
C PRO A 465 -23.21 8.68 -7.39
N VAL A 466 -22.65 8.92 -8.57
CA VAL A 466 -23.36 9.51 -9.69
C VAL A 466 -22.96 8.73 -10.92
N VAL A 467 -23.75 8.88 -11.99
CA VAL A 467 -23.50 8.16 -13.23
C VAL A 467 -22.24 8.73 -13.87
N ARG A 468 -21.33 7.84 -14.24
CA ARG A 468 -20.15 8.17 -14.99
C ARG A 468 -20.31 7.61 -16.40
N SER A 469 -19.38 7.97 -17.25
CA SER A 469 -19.37 7.49 -18.63
C SER A 469 -17.93 7.48 -19.14
N GLU A 470 -17.78 7.14 -20.41
CA GLU A 470 -16.46 7.18 -21.05
C GLU A 470 -15.92 8.59 -21.28
N LYS A 471 -16.72 9.63 -21.02
CA LYS A 471 -16.22 10.98 -20.95
C LYS A 471 -15.48 11.29 -19.64
N ASP A 472 -15.58 10.41 -18.66
CA ASP A 472 -14.77 10.48 -17.44
C ASP A 472 -13.66 9.45 -17.54
N PHE A 473 -12.62 9.63 -16.73
CA PHE A 473 -11.58 8.64 -16.64
C PHE A 473 -11.10 8.59 -15.20
N ASP A 474 -11.63 7.63 -14.46
CA ASP A 474 -11.59 7.68 -13.00
C ASP A 474 -10.42 6.96 -12.33
N ALA A 475 -9.78 6.00 -13.01
CA ALA A 475 -8.71 5.22 -12.38
C ALA A 475 -7.57 6.08 -11.82
N PRO A 476 -7.07 7.09 -12.58
CA PRO A 476 -5.95 7.89 -12.05
C PRO A 476 -6.23 8.73 -10.81
N ALA A 477 -7.48 8.82 -10.37
CA ALA A 477 -7.81 9.50 -9.12
C ALA A 477 -7.29 8.77 -7.88
N LYS A 478 -6.85 7.51 -8.04
CA LYS A 478 -6.08 6.80 -7.03
C LYS A 478 -4.60 7.10 -7.23
N TYR A 479 -3.92 7.53 -6.15
CA TYR A 479 -2.54 7.98 -6.21
C TYR A 479 -1.66 7.04 -7.02
N HIS A 480 -1.70 5.76 -6.66
CA HIS A 480 -0.77 4.76 -7.19
C HIS A 480 -0.95 4.55 -8.69
N ILE A 481 -2.15 4.82 -9.19
CA ILE A 481 -2.42 4.73 -10.62
C ILE A 481 -1.79 5.92 -11.34
N SER A 482 -1.98 7.14 -10.83
CA SER A 482 -1.27 8.31 -11.37
C SER A 482 0.26 8.22 -11.22
N ALA A 483 0.72 7.59 -10.16
CA ALA A 483 2.15 7.51 -9.84
C ALA A 483 2.86 6.29 -10.42
N ASP A 484 2.15 5.41 -11.14
CA ASP A 484 2.72 4.17 -11.67
C ASP A 484 3.41 3.33 -10.57
N VAL A 485 2.69 3.11 -9.47
CA VAL A 485 3.15 2.21 -8.41
C VAL A 485 2.27 0.97 -8.47
N GLU A 486 2.93 -0.17 -8.67
CA GLU A 486 2.27 -1.49 -8.64
C GLU A 486 1.50 -1.65 -7.31
N TYR A 487 0.30 -2.23 -7.39
CA TYR A 487 -0.59 -2.34 -6.23
C TYR A 487 -0.78 -3.76 -5.67
N LEU A 488 -0.42 -4.78 -6.43
CA LEU A 488 -0.56 -6.16 -5.94
C LEU A 488 0.24 -6.39 -4.66
N ARG A 489 1.36 -5.68 -4.53
CA ARG A 489 2.15 -5.66 -3.28
C ARG A 489 1.30 -5.49 -2.02
N TYR A 490 0.26 -4.67 -2.09
CA TYR A 490 -0.62 -4.43 -0.94
C TYR A 490 -1.58 -5.60 -0.69
N LEU A 491 -2.06 -6.24 -1.76
CA LEU A 491 -2.82 -7.47 -1.60
C LEU A 491 -1.96 -8.55 -0.95
N VAL A 492 -0.75 -8.75 -1.49
CA VAL A 492 0.21 -9.70 -0.93
C VAL A 492 0.48 -9.38 0.54
N SER A 493 0.79 -8.11 0.82
CA SER A 493 1.02 -7.64 2.18
C SER A 493 -0.09 -7.98 3.15
N PHE A 494 -1.34 -7.73 2.74
CA PHE A 494 -2.47 -7.90 3.67
C PHE A 494 -2.71 -9.38 3.99
N ILE A 495 -2.28 -10.28 3.10
CA ILE A 495 -2.29 -11.72 3.40
C ILE A 495 -1.12 -12.09 4.29
N ILE A 496 0.10 -11.79 3.84
CA ILE A 496 1.28 -12.28 4.56
C ILE A 496 1.53 -11.60 5.91
N GLN A 497 1.05 -10.36 6.09
CA GLN A 497 1.21 -9.69 7.40
C GLN A 497 0.55 -10.47 8.54
N PHE A 498 -0.54 -11.18 8.25
CA PHE A 498 -1.14 -12.06 9.25
C PHE A 498 -0.31 -13.32 9.52
N GLN A 499 0.42 -13.81 8.52
CA GLN A 499 1.36 -14.91 8.71
C GLN A 499 2.49 -14.48 9.60
N PHE A 500 3.04 -13.29 9.34
CA PHE A 500 4.10 -12.74 10.18
C PHE A 500 3.59 -12.46 11.59
N TYR A 501 2.39 -11.88 11.69
CA TYR A 501 1.82 -11.53 12.98
C TYR A 501 1.54 -12.75 13.84
N LYS A 502 0.90 -13.77 13.26
CA LYS A 502 0.63 -15.02 13.99
C LYS A 502 1.93 -15.63 14.53
N SER A 503 2.95 -15.73 13.67
CA SER A 503 4.23 -16.31 14.05
C SER A 503 4.95 -15.49 15.12
N ALA A 504 4.99 -14.17 14.93
CA ALA A 504 5.62 -13.27 15.92
C ALA A 504 4.91 -13.34 17.27
N CYS A 505 3.58 -13.42 17.22
CA CYS A 505 2.76 -13.55 18.43
C CYS A 505 3.05 -14.84 19.18
N ILE A 506 3.17 -15.96 18.47
CA ILE A 506 3.54 -17.23 19.10
C ILE A 506 4.93 -17.12 19.72
N LYS A 507 5.89 -16.57 18.97
CA LYS A 507 7.25 -16.39 19.49
C LYS A 507 7.31 -15.48 20.72
N ALA A 508 6.41 -14.51 20.80
CA ALA A 508 6.31 -13.61 21.96
C ALA A 508 5.52 -14.18 23.16
N GLY A 509 4.95 -15.38 23.03
CA GLY A 509 4.06 -15.94 24.07
C GLY A 509 2.72 -15.22 24.16
N GLN A 510 2.31 -14.59 23.06
CA GLN A 510 1.10 -13.77 23.03
C GLN A 510 -0.08 -14.43 22.31
N TYR A 511 0.11 -15.62 21.73
CA TYR A 511 -0.98 -16.31 21.09
C TYR A 511 -0.91 -17.82 21.35
N ASP A 512 -2.05 -18.36 21.75
CA ASP A 512 -2.23 -19.80 21.89
C ASP A 512 -3.69 -20.07 21.53
N PRO A 513 -3.95 -20.82 20.45
CA PRO A 513 -5.34 -21.03 20.06
C PRO A 513 -6.20 -21.76 21.11
N ASP A 514 -5.55 -22.53 21.99
CA ASP A 514 -6.24 -23.27 23.06
C ASP A 514 -6.42 -22.48 24.36
N ASN A 515 -5.82 -21.29 24.45
CA ASN A 515 -5.94 -20.44 25.64
C ASN A 515 -6.81 -19.23 25.32
N VAL A 516 -7.96 -19.13 25.99
CA VAL A 516 -8.90 -18.03 25.81
C VAL A 516 -8.33 -16.67 26.27
N GLU A 517 -7.30 -16.68 27.12
CA GLU A 517 -6.62 -15.46 27.54
C GLU A 517 -5.62 -14.90 26.52
N LEU A 518 -5.30 -15.66 25.47
CA LEU A 518 -4.30 -15.24 24.47
C LEU A 518 -4.86 -15.31 23.05
N PRO A 519 -5.94 -14.57 22.76
CA PRO A 519 -6.51 -14.60 21.42
C PRO A 519 -5.64 -13.79 20.46
N LEU A 520 -5.62 -14.19 19.20
CA LEU A 520 -4.74 -13.56 18.21
C LEU A 520 -5.03 -12.06 18.08
N ASP A 521 -6.31 -11.69 18.14
CA ASP A 521 -6.73 -10.28 18.01
C ASP A 521 -6.43 -9.36 19.21
N ASN A 522 -5.81 -9.87 20.29
CA ASN A 522 -5.29 -9.00 21.36
C ASN A 522 -3.79 -9.20 21.64
N CYS A 523 -3.06 -9.70 20.63
CA CYS A 523 -1.63 -9.94 20.77
C CYS A 523 -0.83 -8.64 20.66
N ASP A 524 0.11 -8.44 21.60
CA ASP A 524 1.02 -7.31 21.53
C ASP A 524 2.43 -7.85 21.56
N ILE A 525 3.15 -7.68 20.45
CA ILE A 525 4.55 -8.13 20.34
C ILE A 525 5.56 -7.09 20.83
N TYR A 526 5.09 -5.95 21.34
CA TYR A 526 5.95 -4.99 22.01
C TYR A 526 6.85 -5.67 23.04
N GLY A 527 8.13 -5.33 23.02
CA GLY A 527 9.10 -5.88 23.99
C GLY A 527 9.69 -7.25 23.66
N SER A 528 9.27 -7.87 22.56
CA SER A 528 9.68 -9.26 22.27
C SER A 528 10.94 -9.30 21.41
N ALA A 529 12.06 -9.61 22.04
CA ALA A 529 13.32 -9.82 21.32
C ALA A 529 13.23 -11.04 20.41
N ALA A 530 12.43 -12.02 20.81
CA ALA A 530 12.20 -13.22 20.00
C ALA A 530 11.51 -12.90 18.68
N ALA A 531 10.46 -12.07 18.73
CA ALA A 531 9.80 -11.61 17.51
C ALA A 531 10.76 -10.77 16.66
N GLY A 532 11.53 -9.90 17.31
CA GLY A 532 12.55 -9.11 16.61
C GLY A 532 13.60 -9.93 15.88
N ALA A 533 14.05 -11.01 16.51
CA ALA A 533 15.05 -11.89 15.89
C ALA A 533 14.54 -12.47 14.59
N ALA A 534 13.28 -12.92 14.59
CA ALA A 534 12.65 -13.44 13.39
C ALA A 534 12.62 -12.40 12.27
N PHE A 535 12.25 -11.17 12.60
CA PHE A 535 12.34 -10.05 11.65
C PHE A 535 13.77 -9.81 11.17
N HIS A 536 14.71 -9.78 12.09
CA HIS A 536 16.12 -9.57 11.72
C HIS A 536 16.58 -10.62 10.70
N ASN A 537 16.27 -11.89 10.97
CA ASN A 537 16.68 -13.00 10.10
C ASN A 537 16.13 -12.85 8.68
N MET A 538 14.87 -12.45 8.56
CA MET A 538 14.22 -12.27 7.25
C MET A 538 14.66 -10.97 6.56
N LEU A 539 14.56 -9.86 7.28
CA LEU A 539 14.78 -8.55 6.69
C LEU A 539 16.24 -8.32 6.27
N SER A 540 17.18 -8.86 7.02
CA SER A 540 18.61 -8.70 6.69
C SER A 540 18.99 -9.32 5.35
N MET A 541 18.18 -10.25 4.85
CA MET A 541 18.44 -10.91 3.57
C MET A 541 18.18 -10.05 2.35
N GLY A 542 17.39 -8.99 2.48
CA GLY A 542 17.00 -8.19 1.33
C GLY A 542 16.42 -9.08 0.25
N ALA A 543 16.85 -8.83 -0.99
CA ALA A 543 16.47 -9.65 -2.15
C ALA A 543 17.56 -10.66 -2.58
N SER A 544 18.45 -11.02 -1.66
CA SER A 544 19.54 -11.96 -1.94
C SER A 544 19.06 -13.35 -2.31
N LYS A 545 17.87 -13.72 -1.85
CA LYS A 545 17.28 -15.02 -2.15
C LYS A 545 15.81 -14.83 -2.57
N PRO A 546 15.23 -15.80 -3.31
CA PRO A 546 13.80 -15.73 -3.58
C PRO A 546 12.98 -15.66 -2.29
N TRP A 547 11.82 -15.02 -2.37
CA TRP A 547 11.05 -14.70 -1.18
C TRP A 547 10.69 -15.89 -0.27
N PRO A 548 10.44 -17.09 -0.84
CA PRO A 548 10.16 -18.20 0.09
C PRO A 548 11.29 -18.50 1.08
N ASP A 549 12.54 -18.23 0.68
CA ASP A 549 13.68 -18.32 1.59
C ASP A 549 13.67 -17.26 2.69
N ALA A 550 13.20 -16.05 2.36
CA ALA A 550 13.07 -14.99 3.35
C ALA A 550 11.95 -15.34 4.35
N LEU A 551 10.81 -15.81 3.85
CA LEU A 551 9.74 -16.28 4.73
C LEU A 551 10.24 -17.40 5.65
N GLU A 552 10.99 -18.33 5.06
CA GLU A 552 11.48 -19.49 5.83
C GLU A 552 12.41 -19.07 6.96
N ALA A 553 13.21 -18.03 6.72
CA ALA A 553 14.08 -17.47 7.75
C ALA A 553 13.28 -16.89 8.93
N PHE A 554 12.07 -16.41 8.67
CA PHE A 554 11.18 -15.86 9.68
C PHE A 554 10.52 -16.94 10.54
N ASN A 555 9.82 -17.88 9.92
CA ASN A 555 9.02 -18.86 10.66
C ASN A 555 9.04 -20.29 10.11
N GLY A 556 10.00 -20.60 9.26
CA GLY A 556 10.06 -21.92 8.61
C GLY A 556 9.08 -22.19 7.49
N GLU A 557 8.16 -21.26 7.19
CA GLU A 557 7.18 -21.47 6.13
C GLU A 557 7.79 -21.06 4.80
N ARG A 558 7.31 -21.66 3.72
CA ARG A 558 7.71 -21.23 2.37
C ARG A 558 6.53 -20.84 1.49
N ILE A 559 5.32 -21.03 1.99
CA ILE A 559 4.13 -20.87 1.18
C ILE A 559 3.28 -19.70 1.69
N MET A 560 2.86 -18.85 0.76
CA MET A 560 1.92 -17.78 1.05
C MET A 560 0.55 -18.43 1.28
N SER A 561 -0.09 -18.05 2.39
CA SER A 561 -1.30 -18.73 2.86
C SER A 561 -2.25 -17.73 3.50
N GLY A 562 -3.55 -17.89 3.22
CA GLY A 562 -4.61 -17.14 3.91
C GLY A 562 -5.14 -17.79 5.18
N LYS A 563 -4.48 -18.83 5.69
CA LYS A 563 -4.93 -19.46 6.94
C LYS A 563 -4.94 -18.48 8.11
N ALA A 564 -3.85 -17.74 8.25
CA ALA A 564 -3.67 -16.82 9.37
C ALA A 564 -4.70 -15.70 9.41
N ILE A 565 -4.94 -15.07 8.26
CA ILE A 565 -5.95 -14.00 8.20
C ILE A 565 -7.36 -14.56 8.48
N ALA A 566 -7.71 -15.72 7.93
CA ALA A 566 -8.99 -16.37 8.26
C ALA A 566 -9.11 -16.68 9.76
N GLU A 567 -8.02 -17.19 10.34
CA GLU A 567 -7.96 -17.54 11.76
C GLU A 567 -8.21 -16.31 12.64
N TYR A 568 -7.55 -15.20 12.29
CA TYR A 568 -7.74 -13.93 12.99
C TYR A 568 -9.22 -13.52 13.06
N PHE A 569 -9.93 -13.61 11.93
CA PHE A 569 -11.30 -13.13 11.84
C PHE A 569 -12.39 -14.20 12.05
N GLU A 570 -11.98 -15.42 12.41
CA GLU A 570 -12.93 -16.52 12.56
C GLU A 570 -14.06 -16.18 13.57
N PRO A 571 -13.72 -15.61 14.75
CA PRO A 571 -14.80 -15.18 15.67
C PRO A 571 -15.78 -14.17 15.05
N LEU A 572 -15.29 -13.25 14.22
CA LEU A 572 -16.15 -12.31 13.51
C LEU A 572 -17.04 -12.99 12.48
N ARG A 573 -16.47 -13.93 11.72
CA ARG A 573 -17.22 -14.67 10.70
C ARG A 573 -18.46 -15.37 11.30
N VAL A 574 -18.25 -16.03 12.43
CA VAL A 574 -19.30 -16.76 13.13
C VAL A 574 -20.42 -15.80 13.56
N TRP A 575 -20.06 -14.76 14.31
CA TRP A 575 -21.02 -13.75 14.74
C TRP A 575 -21.77 -13.11 13.58
N LEU A 576 -21.04 -12.72 12.55
CA LEU A 576 -21.60 -11.97 11.43
C LEU A 576 -22.57 -12.79 10.58
N GLU A 577 -22.22 -14.04 10.28
CA GLU A 577 -23.13 -14.96 9.61
C GLU A 577 -24.45 -15.11 10.37
N ALA A 578 -24.38 -15.27 11.69
CA ALA A 578 -25.57 -15.38 12.54
C ALA A 578 -26.37 -14.08 12.56
N GLU A 579 -25.67 -12.95 12.66
CA GLU A 579 -26.33 -11.65 12.67
C GLU A 579 -27.05 -11.33 11.37
N ASN A 580 -26.43 -11.67 10.23
CA ASN A 580 -27.06 -11.41 8.95
C ASN A 580 -28.33 -12.25 8.73
N ILE A 581 -28.27 -13.51 9.11
CA ILE A 581 -29.45 -14.40 9.04
C ILE A 581 -30.55 -13.89 9.97
N LYS A 582 -30.18 -13.54 11.19
CA LYS A 582 -31.11 -12.99 12.20
C LYS A 582 -31.87 -11.77 11.69
N ASN A 583 -31.14 -10.84 11.07
CA ASN A 583 -31.71 -9.61 10.54
C ASN A 583 -32.15 -9.68 9.08
N ASN A 584 -32.12 -10.88 8.50
CA ASN A 584 -32.52 -11.10 7.11
C ASN A 584 -31.77 -10.19 6.11
N VAL A 585 -30.45 -10.07 6.32
CA VAL A 585 -29.61 -9.13 5.58
C VAL A 585 -29.34 -9.69 4.19
N HIS A 586 -29.62 -8.89 3.17
CA HIS A 586 -29.40 -9.31 1.79
C HIS A 586 -27.89 -9.36 1.50
N ILE A 587 -27.47 -10.42 0.80
CA ILE A 587 -26.06 -10.68 0.48
C ILE A 587 -25.92 -10.69 -1.02
N GLY A 588 -24.87 -10.06 -1.53
CA GLY A 588 -24.62 -9.96 -2.95
C GLY A 588 -25.27 -8.72 -3.52
N TRP A 589 -25.03 -8.46 -4.80
CA TRP A 589 -25.52 -7.25 -5.42
C TRP A 589 -25.84 -7.42 -6.90
N THR A 590 -26.76 -6.59 -7.38
CA THR A 590 -27.05 -6.48 -8.81
C THR A 590 -25.95 -5.66 -9.47
N THR A 591 -25.86 -5.79 -10.79
CA THR A 591 -24.89 -5.02 -11.58
C THR A 591 -25.23 -3.54 -11.48
N SER A 592 -24.20 -2.71 -11.39
CA SER A 592 -24.34 -1.26 -11.22
C SER A 592 -24.99 -0.58 -12.43
N ASN A 593 -25.80 0.44 -12.15
CA ASN A 593 -26.38 1.29 -13.19
C ASN A 593 -25.60 2.61 -13.40
N LYS A 594 -24.38 2.70 -12.85
CA LYS A 594 -23.67 3.98 -12.76
C LYS A 594 -22.59 4.25 -13.81
N CYS A 595 -22.43 3.39 -14.83
CA CYS A 595 -21.47 3.70 -15.91
C CYS A 595 -22.10 3.47 -17.28
N VAL A 596 -22.25 4.55 -18.04
CA VAL A 596 -22.82 4.51 -19.38
C VAL A 596 -21.71 4.24 -20.38
N SER A 597 -21.84 3.17 -21.14
CA SER A 597 -20.94 2.91 -22.26
C SER A 597 -21.28 3.81 -23.43
#